data_4ID2
#
_entry.id   4ID2
#
_cell.length_a   67.254
_cell.length_b   74.421
_cell.length_c   71.206
_cell.angle_alpha   90.000
_cell.angle_beta   117.310
_cell.angle_gamma   90.000
#
_symmetry.space_group_name_H-M   'C 1 2 1'
#
loop_
_entity.id
_entity.type
_entity.pdbx_description
1 polymer 'Uncharacterized protein'
2 non-polymer 'SULFATE ION'
3 non-polymer 1,2-ETHANEDIOL
4 water water
#
_entity_poly.entity_id   1
_entity_poly.type   'polypeptide(L)'
_entity_poly.pdbx_seq_one_letter_code
;GCGGKKGSSDNTSTLA(MSE)IDSVDAHGLQR(MSE)QTSKSETDFKFKGKDYHSLVSRTPDDNLPHVTNELGDTYVDNK
IVLHLTRGNETVLNKTFTKNDFSSVVDANFLSKSILEGIVYDKTTPQGIVYAASVCYPQTDLY(MSE)PLSITITADGK
(MSE)SIQKVDILEEDYDDEAPN
;
_entity_poly.pdbx_strand_id   A,B
#
loop_
_chem_comp.id
_chem_comp.type
_chem_comp.name
_chem_comp.formula
EDO non-polymer 1,2-ETHANEDIOL 'C2 H6 O2'
SO4 non-polymer 'SULFATE ION' 'O4 S -2'
#
# COMPACT_ATOMS: atom_id res chain seq x y z
N GLY A 25 2.24 -30.21 8.63
CA GLY A 25 3.60 -30.00 8.15
C GLY A 25 4.08 -28.56 8.27
N LEU A 26 5.24 -28.27 7.64
CA LEU A 26 5.88 -26.95 7.67
C LEU A 26 5.36 -26.05 6.53
N GLN A 27 4.40 -25.17 6.85
CA GLN A 27 3.76 -24.26 5.87
C GLN A 27 4.66 -23.09 5.50
N ARG A 28 4.64 -22.69 4.22
CA ARG A 28 5.40 -21.53 3.74
C ARG A 28 4.63 -20.77 2.67
N MSE A 29 4.86 -19.45 2.62
CA MSE A 29 4.19 -18.54 1.69
C MSE A 29 4.88 -18.51 0.33
O MSE A 29 6.08 -18.78 0.23
CB MSE A 29 4.12 -17.11 2.26
CG MSE A 29 3.12 -16.98 3.38
SE MSE A 29 2.99 -15.16 4.01
CE MSE A 29 1.66 -14.40 2.77
N GLN A 30 4.11 -18.19 -0.72
CA GLN A 30 4.63 -18.12 -2.09
C GLN A 30 5.59 -16.92 -2.23
N THR A 31 6.51 -16.98 -3.21
CA THR A 31 7.46 -15.89 -3.44
C THR A 31 6.79 -14.76 -4.22
N SER A 32 6.48 -13.61 -3.58
CA SER A 32 5.91 -12.45 -4.28
C SER A 32 7.02 -11.51 -4.69
N LYS A 33 6.85 -10.83 -5.82
CA LYS A 33 7.85 -9.92 -6.36
C LYS A 33 7.17 -8.80 -7.15
N SER A 34 7.71 -7.57 -7.11
CA SER A 34 7.16 -6.47 -7.91
C SER A 34 8.21 -5.38 -8.10
N GLU A 35 8.12 -4.70 -9.24
CA GLU A 35 9.02 -3.62 -9.65
C GLU A 35 8.16 -2.37 -9.84
N THR A 36 8.52 -1.25 -9.21
CA THR A 36 7.75 0.00 -9.29
C THR A 36 8.64 1.14 -9.77
N ASP A 37 8.16 1.90 -10.74
CA ASP A 37 8.83 3.07 -11.29
C ASP A 37 8.04 4.31 -10.90
N PHE A 38 8.71 5.31 -10.34
CA PHE A 38 8.09 6.56 -9.93
C PHE A 38 9.11 7.69 -9.90
N LYS A 39 8.61 8.92 -9.79
CA LYS A 39 9.45 10.12 -9.72
C LYS A 39 9.41 10.69 -8.30
N PHE A 40 10.52 11.22 -7.84
CA PHE A 40 10.60 11.88 -6.52
C PHE A 40 11.57 13.05 -6.64
N LYS A 41 11.09 14.27 -6.32
CA LYS A 41 11.86 15.51 -6.45
C LYS A 41 12.38 15.65 -7.91
N GLY A 42 11.56 15.22 -8.86
CA GLY A 42 11.87 15.29 -10.28
C GLY A 42 12.87 14.29 -10.84
N LYS A 43 13.32 13.30 -10.03
CA LYS A 43 14.26 12.28 -10.49
C LYS A 43 13.55 10.93 -10.56
N ASP A 44 13.87 10.11 -11.58
CA ASP A 44 13.27 8.79 -11.79
C ASP A 44 13.88 7.71 -10.88
N TYR A 45 13.03 6.96 -10.16
CA TYR A 45 13.45 5.86 -9.28
C TYR A 45 12.89 4.54 -9.76
N HIS A 46 13.62 3.44 -9.51
CA HIS A 46 13.19 2.06 -9.78
C HIS A 46 13.22 1.33 -8.46
N SER A 47 12.12 0.69 -8.06
CA SER A 47 12.05 0.00 -6.78
C SER A 47 11.70 -1.46 -6.99
N LEU A 48 12.60 -2.38 -6.65
CA LEU A 48 12.35 -3.81 -6.77
C LEU A 48 12.18 -4.38 -5.37
N VAL A 49 11.07 -5.09 -5.13
CA VAL A 49 10.80 -5.72 -3.83
CA VAL A 49 10.79 -5.72 -3.82
C VAL A 49 10.60 -7.21 -4.06
N SER A 50 11.29 -8.07 -3.28
CA SER A 50 11.21 -9.52 -3.41
C SER A 50 11.00 -10.18 -2.08
N ARG A 51 9.85 -10.87 -1.90
CA ARG A 51 9.58 -11.61 -0.68
C ARG A 51 9.88 -13.08 -0.93
N THR A 52 10.63 -13.70 -0.03
CA THR A 52 10.94 -15.12 -0.11
C THR A 52 10.89 -15.71 1.28
N PRO A 53 10.57 -17.01 1.43
CA PRO A 53 10.63 -17.62 2.75
C PRO A 53 12.07 -17.64 3.26
N ASP A 54 12.27 -17.37 4.55
CA ASP A 54 13.60 -17.41 5.15
C ASP A 54 13.60 -18.55 6.16
N ASP A 55 14.26 -19.65 5.79
CA ASP A 55 14.38 -20.85 6.62
C ASP A 55 15.29 -20.62 7.84
N ASN A 56 16.14 -19.59 7.82
CA ASN A 56 17.06 -19.27 8.92
C ASN A 56 16.37 -18.50 10.05
N LEU A 57 15.20 -17.91 9.79
CA LEU A 57 14.46 -17.17 10.83
C LEU A 57 13.69 -18.12 11.75
N PRO A 58 13.36 -17.69 13.00
CA PRO A 58 12.54 -18.56 13.86
C PRO A 58 11.14 -18.80 13.29
N HIS A 59 10.63 -20.03 13.41
CA HIS A 59 9.31 -20.36 12.91
C HIS A 59 8.25 -19.75 13.80
N VAL A 60 7.05 -19.57 13.25
CA VAL A 60 5.89 -19.00 13.94
C VAL A 60 4.85 -20.10 14.08
N THR A 61 4.45 -20.41 15.31
CA THR A 61 3.46 -21.45 15.62
C THR A 61 2.20 -20.73 16.10
N ASN A 62 1.04 -21.06 15.50
CA ASN A 62 -0.25 -20.46 15.85
C ASN A 62 -0.95 -21.27 16.97
N GLU A 63 -2.15 -20.85 17.40
CA GLU A 63 -2.91 -21.53 18.45
C GLU A 63 -3.31 -22.96 18.03
N LEU A 64 -3.62 -23.18 16.74
CA LEU A 64 -4.02 -24.49 16.20
C LEU A 64 -2.88 -25.53 16.26
N GLY A 65 -1.63 -25.09 16.12
CA GLY A 65 -0.45 -25.95 16.15
C GLY A 65 0.31 -26.04 14.84
N ASP A 66 -0.17 -25.34 13.77
CA ASP A 66 0.51 -25.33 12.47
C ASP A 66 1.72 -24.40 12.50
N THR A 67 2.91 -24.91 12.15
CA THR A 67 4.14 -24.11 12.14
C THR A 67 4.34 -23.45 10.77
N TYR A 68 4.60 -22.14 10.76
CA TYR A 68 4.82 -21.35 9.55
C TYR A 68 6.25 -20.81 9.50
N VAL A 69 6.91 -20.88 8.32
CA VAL A 69 8.25 -20.30 8.15
C VAL A 69 8.05 -18.81 7.84
N ASP A 70 8.87 -17.95 8.47
CA ASP A 70 8.77 -16.50 8.28
C ASP A 70 9.47 -16.08 6.98
N ASN A 71 9.25 -14.82 6.54
CA ASN A 71 9.81 -14.32 5.29
C ASN A 71 10.82 -13.20 5.49
N LYS A 72 11.65 -13.01 4.46
CA LYS A 72 12.56 -11.88 4.34
C LYS A 72 12.10 -11.09 3.12
N ILE A 73 12.29 -9.77 3.10
CA ILE A 73 11.91 -8.96 1.96
C ILE A 73 13.11 -8.12 1.54
N VAL A 74 13.63 -8.33 0.32
CA VAL A 74 14.74 -7.53 -0.19
C VAL A 74 14.14 -6.33 -0.91
N LEU A 75 14.45 -5.11 -0.47
CA LEU A 75 14.00 -3.87 -1.11
C LEU A 75 15.22 -3.24 -1.77
N HIS A 76 15.26 -3.21 -3.12
CA HIS A 76 16.36 -2.61 -3.88
C HIS A 76 15.84 -1.35 -4.58
N LEU A 77 16.18 -0.18 -4.04
CA LEU A 77 15.78 1.12 -4.57
C LEU A 77 16.94 1.75 -5.33
N THR A 78 16.75 2.14 -6.60
CA THR A 78 17.80 2.75 -7.41
C THR A 78 17.32 4.04 -8.04
N ARG A 79 18.26 4.94 -8.36
CA ARG A 79 18.00 6.21 -9.05
C ARG A 79 19.08 6.30 -10.13
N GLY A 80 18.74 5.83 -11.33
CA GLY A 80 19.69 5.75 -12.42
C GLY A 80 20.69 4.64 -12.14
N ASN A 81 21.99 4.92 -12.28
CA ASN A 81 23.04 3.95 -11.99
C ASN A 81 23.27 3.78 -10.47
N GLU A 82 22.82 4.74 -9.63
CA GLU A 82 23.05 4.71 -8.19
C GLU A 82 22.04 3.85 -7.46
N THR A 83 22.48 3.18 -6.39
CA THR A 83 21.62 2.39 -5.53
C THR A 83 21.41 3.23 -4.26
N VAL A 84 20.17 3.71 -4.04
CA VAL A 84 19.83 4.54 -2.88
C VAL A 84 19.74 3.65 -1.64
N LEU A 85 19.13 2.46 -1.78
CA LEU A 85 18.99 1.51 -0.68
C LEU A 85 18.89 0.08 -1.20
N ASN A 86 19.60 -0.85 -0.55
CA ASN A 86 19.56 -2.28 -0.86
C ASN A 86 19.59 -3.01 0.46
N LYS A 87 18.41 -3.20 1.09
CA LYS A 87 18.30 -3.82 2.40
C LYS A 87 17.46 -5.08 2.40
N THR A 88 17.88 -6.09 3.20
CA THR A 88 17.11 -7.29 3.45
C THR A 88 16.28 -7.00 4.69
N PHE A 89 14.96 -7.00 4.56
CA PHE A 89 14.05 -6.71 5.66
C PHE A 89 13.51 -7.99 6.28
N THR A 90 13.28 -7.95 7.60
CA THR A 90 12.60 -9.01 8.35
C THR A 90 11.68 -8.31 9.34
N LYS A 91 10.73 -9.02 9.95
CA LYS A 91 9.84 -8.41 10.96
C LYS A 91 10.65 -7.79 12.13
N ASN A 92 11.88 -8.28 12.39
CA ASN A 92 12.74 -7.78 13.48
C ASN A 92 13.21 -6.34 13.21
N ASP A 93 13.17 -5.85 11.95
CA ASP A 93 13.49 -4.44 11.63
C ASP A 93 12.46 -3.46 12.23
N PHE A 94 11.30 -3.96 12.68
CA PHE A 94 10.23 -3.18 13.30
C PHE A 94 10.16 -3.43 14.82
N SER A 95 11.20 -4.05 15.43
CA SER A 95 11.25 -4.33 16.86
C SER A 95 11.24 -3.06 17.72
N SER A 96 11.71 -1.93 17.18
CA SER A 96 11.71 -0.66 17.89
C SER A 96 10.30 -0.04 18.03
N VAL A 97 9.32 -0.43 17.18
CA VAL A 97 7.96 0.15 17.23
C VAL A 97 6.83 -0.91 17.34
N VAL A 98 7.14 -2.20 17.57
CA VAL A 98 6.14 -3.27 17.72
C VAL A 98 6.54 -4.11 18.93
N ASP A 99 5.59 -4.41 19.84
CA ASP A 99 5.90 -5.18 21.05
C ASP A 99 6.28 -6.62 20.69
N ALA A 100 7.30 -7.16 21.39
CA ALA A 100 7.86 -8.50 21.15
C ALA A 100 6.81 -9.62 21.14
N ASN A 101 5.78 -9.51 21.99
CA ASN A 101 4.71 -10.54 22.08
C ASN A 101 4.01 -10.67 20.72
N PHE A 102 3.50 -9.55 20.19
CA PHE A 102 2.80 -9.52 18.90
C PHE A 102 3.76 -9.82 17.75
N LEU A 103 5.00 -9.32 17.83
CA LEU A 103 5.99 -9.50 16.77
C LEU A 103 6.43 -10.96 16.65
N SER A 104 6.65 -11.66 17.77
CA SER A 104 7.05 -13.08 17.75
C SER A 104 5.95 -13.99 17.13
N LYS A 105 4.66 -13.68 17.36
CA LYS A 105 3.54 -14.47 16.83
C LYS A 105 3.15 -14.09 15.36
N SER A 106 3.81 -13.09 14.72
CA SER A 106 3.46 -12.64 13.36
C SER A 106 4.52 -12.99 12.31
N ILE A 107 4.20 -12.83 11.00
CA ILE A 107 5.15 -13.08 9.92
C ILE A 107 5.20 -11.86 8.98
N LEU A 108 6.40 -11.51 8.46
CA LEU A 108 6.54 -10.39 7.53
C LEU A 108 5.77 -10.74 6.26
N GLU A 109 4.75 -9.95 5.94
CA GLU A 109 3.86 -10.21 4.82
C GLU A 109 4.26 -9.45 3.57
N GLY A 110 4.54 -8.16 3.70
CA GLY A 110 4.83 -7.36 2.52
C GLY A 110 5.36 -5.97 2.79
N ILE A 111 6.05 -5.41 1.79
CA ILE A 111 6.59 -4.04 1.78
C ILE A 111 6.23 -3.54 0.38
N VAL A 112 5.45 -2.44 0.32
CA VAL A 112 4.83 -1.94 -0.89
C VAL A 112 5.08 -0.44 -1.09
N TYR A 113 5.54 0.00 -2.30
CA TYR A 113 5.64 1.44 -2.57
C TYR A 113 4.27 2.06 -2.33
N ASP A 114 4.20 3.12 -1.51
CA ASP A 114 2.93 3.77 -1.20
C ASP A 114 2.87 5.14 -1.85
N LYS A 115 3.74 6.06 -1.46
CA LYS A 115 3.73 7.43 -1.99
C LYS A 115 5.04 8.14 -1.71
N THR A 116 5.16 9.37 -2.21
CA THR A 116 6.29 10.26 -1.95
C THR A 116 5.77 11.44 -1.13
N THR A 117 6.53 11.86 -0.13
CA THR A 117 6.19 12.99 0.74
C THR A 117 7.41 13.91 0.82
N PRO A 118 7.31 15.13 1.40
CA PRO A 118 8.50 15.98 1.53
C PRO A 118 9.62 15.31 2.35
N GLN A 119 9.25 14.41 3.30
CA GLN A 119 10.22 13.68 4.11
C GLN A 119 11.00 12.71 3.22
N GLY A 120 10.28 11.86 2.50
CA GLY A 120 10.90 10.90 1.60
C GLY A 120 9.92 9.99 0.90
N ILE A 121 10.44 8.87 0.40
CA ILE A 121 9.69 7.84 -0.31
C ILE A 121 9.08 6.95 0.75
N VAL A 122 7.75 6.84 0.81
CA VAL A 122 7.07 6.04 1.83
C VAL A 122 6.62 4.70 1.27
N TYR A 123 6.90 3.63 2.04
CA TYR A 123 6.49 2.26 1.72
C TYR A 123 5.52 1.79 2.77
N ALA A 124 4.45 1.11 2.36
CA ALA A 124 3.52 0.51 3.30
C ALA A 124 4.08 -0.84 3.63
N ALA A 125 4.16 -1.17 4.91
CA ALA A 125 4.70 -2.46 5.36
C ALA A 125 3.69 -3.16 6.25
N SER A 126 3.69 -4.49 6.23
CA SER A 126 2.77 -5.23 7.08
C SER A 126 3.33 -6.56 7.57
N VAL A 127 2.96 -6.92 8.80
CA VAL A 127 3.24 -8.21 9.43
C VAL A 127 1.84 -8.81 9.69
N CYS A 128 1.65 -10.10 9.40
CA CYS A 128 0.35 -10.74 9.54
C CYS A 128 0.42 -11.94 10.47
N TYR A 129 -0.75 -12.36 10.98
CA TYR A 129 -0.89 -13.51 11.87
C TYR A 129 -1.32 -14.70 11.04
N PRO A 130 -0.50 -15.77 10.96
CA PRO A 130 -0.88 -16.92 10.11
C PRO A 130 -2.27 -17.52 10.39
N GLN A 131 -2.91 -18.05 9.34
CA GLN A 131 -4.25 -18.69 9.35
C GLN A 131 -5.38 -17.68 9.66
N THR A 132 -5.15 -16.36 9.47
CA THR A 132 -6.16 -15.32 9.69
C THR A 132 -5.97 -14.20 8.67
N ASP A 133 -6.95 -13.29 8.60
CA ASP A 133 -6.91 -12.13 7.71
C ASP A 133 -6.44 -10.87 8.48
N LEU A 134 -5.85 -11.04 9.69
CA LEU A 134 -5.42 -9.94 10.53
C LEU A 134 -3.98 -9.57 10.25
N TYR A 135 -3.69 -8.26 10.19
CA TYR A 135 -2.33 -7.78 9.98
C TYR A 135 -2.17 -6.38 10.55
N MSE A 136 -0.91 -6.03 10.85
CA MSE A 136 -0.59 -4.76 11.48
C MSE A 136 0.05 -3.83 10.47
O MSE A 136 1.09 -4.15 9.93
CB MSE A 136 0.37 -5.00 12.65
CG MSE A 136 0.78 -3.74 13.36
SE MSE A 136 1.98 -4.25 14.78
CE MSE A 136 0.54 -4.38 16.23
N PRO A 137 -0.54 -2.64 10.24
CA PRO A 137 0.06 -1.70 9.28
C PRO A 137 1.27 -0.97 9.87
N LEU A 138 2.35 -0.90 9.10
CA LEU A 138 3.60 -0.23 9.47
C LEU A 138 4.08 0.59 8.27
N SER A 139 5.13 1.41 8.42
CA SER A 139 5.63 2.17 7.26
C SER A 139 7.15 2.37 7.31
N ILE A 140 7.78 2.44 6.11
CA ILE A 140 9.22 2.66 5.92
C ILE A 140 9.36 3.92 5.10
N THR A 141 10.10 4.92 5.58
CA THR A 141 10.33 6.16 4.83
C THR A 141 11.80 6.21 4.45
N ILE A 142 12.11 6.38 3.16
CA ILE A 142 13.50 6.44 2.67
C ILE A 142 13.72 7.80 2.04
N THR A 143 14.77 8.53 2.47
CA THR A 143 15.07 9.85 1.91
C THR A 143 15.82 9.67 0.60
N ALA A 144 16.01 10.77 -0.15
CA ALA A 144 16.74 10.73 -1.42
C ALA A 144 18.20 10.30 -1.22
N ASP A 145 18.81 10.62 -0.06
CA ASP A 145 20.19 10.22 0.23
C ASP A 145 20.25 8.86 1.01
N GLY A 146 19.20 8.06 0.95
CA GLY A 146 19.18 6.74 1.56
C GLY A 146 18.96 6.62 3.06
N LYS A 147 18.64 7.73 3.78
CA LYS A 147 18.39 7.64 5.23
C LYS A 147 17.01 7.02 5.42
N MSE A 148 16.95 5.89 6.12
CA MSE A 148 15.72 5.14 6.29
C MSE A 148 15.17 5.25 7.72
O MSE A 148 15.96 5.21 8.67
CB MSE A 148 16.01 3.68 5.94
CG MSE A 148 14.76 2.83 5.83
SE MSE A 148 14.81 1.27 6.93
CE MSE A 148 15.10 2.07 8.69
N SER A 149 13.85 5.36 7.87
CA SER A 149 13.17 5.41 9.18
C SER A 149 11.93 4.51 9.17
N ILE A 150 11.59 3.95 10.33
CA ILE A 150 10.46 3.04 10.54
C ILE A 150 9.43 3.68 11.44
N GLN A 151 8.13 3.49 11.13
CA GLN A 151 7.04 4.03 11.95
C GLN A 151 5.89 3.04 12.05
N LYS A 152 5.14 3.13 13.14
CA LYS A 152 3.94 2.35 13.36
C LYS A 152 2.77 3.22 12.92
N VAL A 153 1.77 2.62 12.27
CA VAL A 153 0.60 3.36 11.82
C VAL A 153 -0.31 3.53 13.04
N ASP A 154 -0.60 4.79 13.42
CA ASP A 154 -1.44 5.12 14.57
C ASP A 154 -2.82 5.52 14.10
N ILE A 155 -3.75 5.73 15.04
CA ILE A 155 -5.11 6.05 14.69
C ILE A 155 -5.73 7.12 15.55
N LEU A 156 -6.71 7.80 14.96
CA LEU A 156 -7.66 8.70 15.59
C LEU A 156 -9.04 8.17 15.27
N GLU A 157 -10.02 8.44 16.14
CA GLU A 157 -11.40 8.01 15.96
C GLU A 157 -12.27 9.20 15.62
N GLU A 158 -13.20 9.01 14.69
CA GLU A 158 -14.15 10.04 14.23
C GLU A 158 -15.56 9.51 14.45
N ASP A 159 -16.44 10.30 15.07
CA ASP A 159 -17.82 9.89 15.33
C ASP A 159 -18.81 11.02 14.99
N TYR A 160 -19.81 10.71 14.13
CA TYR A 160 -20.85 11.64 13.68
C TYR A 160 -20.26 12.91 13.06
N GLY B 25 -8.56 31.68 -5.33
CA GLY B 25 -7.53 30.70 -5.03
C GLY B 25 -8.04 29.53 -4.20
N LEU B 26 -7.53 28.31 -4.47
CA LEU B 26 -7.94 27.09 -3.77
C LEU B 26 -6.85 26.01 -3.84
N GLN B 27 -6.83 25.08 -2.86
CA GLN B 27 -5.81 24.04 -2.73
C GLN B 27 -5.93 22.93 -3.80
N ARG B 28 -4.77 22.55 -4.35
CA ARG B 28 -4.58 21.61 -5.46
C ARG B 28 -3.45 20.60 -5.12
N MSE B 29 -3.74 19.26 -5.03
CA MSE B 29 -2.65 18.31 -4.79
C MSE B 29 -1.82 18.12 -6.06
O MSE B 29 -2.32 18.31 -7.16
CB MSE B 29 -3.16 16.95 -4.31
CG MSE B 29 -3.63 16.97 -2.88
SE MSE B 29 -4.16 15.19 -2.27
CE MSE B 29 -2.47 14.44 -1.69
N GLN B 30 -0.54 17.76 -5.89
CA GLN B 30 0.39 17.53 -7.00
C GLN B 30 -0.03 16.28 -7.79
N THR B 31 0.35 16.19 -9.07
CA THR B 31 0.05 15.04 -9.91
C THR B 31 1.00 13.88 -9.61
N SER B 32 0.55 12.82 -8.91
CA SER B 32 1.40 11.64 -8.64
C SER B 32 1.15 10.59 -9.71
N LYS B 33 2.19 9.83 -10.05
CA LYS B 33 2.12 8.81 -11.09
C LYS B 33 3.08 7.66 -10.77
N SER B 34 2.69 6.39 -11.03
CA SER B 34 3.59 5.24 -10.81
C SER B 34 3.21 4.06 -11.71
N GLU B 35 4.23 3.33 -12.20
CA GLU B 35 4.10 2.17 -13.08
C GLU B 35 4.64 0.96 -12.32
N THR B 36 3.85 -0.12 -12.21
CA THR B 36 4.25 -1.33 -11.49
C THR B 36 4.18 -2.57 -12.38
N ASP B 37 5.23 -3.38 -12.38
CA ASP B 37 5.30 -4.63 -13.12
C ASP B 37 5.31 -5.79 -12.13
N PHE B 38 4.43 -6.77 -12.35
CA PHE B 38 4.33 -7.94 -11.49
C PHE B 38 3.75 -9.11 -12.26
N LYS B 39 3.83 -10.31 -11.65
CA LYS B 39 3.29 -11.54 -12.22
C LYS B 39 2.07 -11.98 -11.45
N PHE B 40 1.07 -12.53 -12.13
CA PHE B 40 -0.13 -13.07 -11.50
C PHE B 40 -0.58 -14.30 -12.28
N LYS B 41 -0.68 -15.46 -11.59
CA LYS B 41 -1.00 -16.75 -12.22
C LYS B 41 -0.01 -17.03 -13.37
N GLY B 42 1.25 -16.66 -13.16
CA GLY B 42 2.32 -16.85 -14.13
C GLY B 42 2.35 -15.97 -15.36
N LYS B 43 1.48 -14.94 -15.45
CA LYS B 43 1.45 -14.01 -16.59
C LYS B 43 1.93 -12.64 -16.12
N ASP B 44 2.69 -11.93 -16.98
CA ASP B 44 3.25 -10.60 -16.68
C ASP B 44 2.20 -9.49 -16.86
N TYR B 45 2.04 -8.62 -15.85
CA TYR B 45 1.12 -7.48 -15.87
C TYR B 45 1.88 -6.18 -15.75
N HIS B 46 1.35 -5.11 -16.35
CA HIS B 46 1.87 -3.74 -16.25
C HIS B 46 0.75 -2.89 -15.69
N SER B 47 0.99 -2.15 -14.60
CA SER B 47 -0.06 -1.35 -13.97
C SER B 47 0.37 0.10 -13.90
N LEU B 48 -0.33 0.99 -14.60
CA LEU B 48 -0.04 2.42 -14.58
C LEU B 48 -1.15 3.11 -13.80
N VAL B 49 -0.78 3.91 -12.79
CA VAL B 49 -1.74 4.66 -11.99
C VAL B 49 -1.38 6.14 -12.06
N SER B 50 -2.36 7.02 -12.36
CA SER B 50 -2.13 8.45 -12.50
C SER B 50 -3.15 9.25 -11.73
N ARG B 51 -2.71 10.02 -10.72
CA ARG B 51 -3.59 10.88 -9.96
C ARG B 51 -3.47 12.29 -10.47
N THR B 52 -4.60 12.94 -10.74
CA THR B 52 -4.61 14.33 -11.18
C THR B 52 -5.77 15.03 -10.50
N PRO B 53 -5.68 16.36 -10.28
CA PRO B 53 -6.84 17.07 -9.73
C PRO B 53 -7.99 17.04 -10.72
N ASP B 54 -9.22 16.84 -10.24
CA ASP B 54 -10.40 16.82 -11.09
C ASP B 54 -11.27 18.02 -10.70
N ASP B 55 -11.23 19.08 -11.54
CA ASP B 55 -11.96 20.34 -11.33
C ASP B 55 -13.48 20.18 -11.49
N ASN B 56 -13.94 19.10 -12.13
CA ASN B 56 -15.36 18.84 -12.34
C ASN B 56 -16.05 18.24 -11.11
N LEU B 57 -15.29 17.68 -10.16
CA LEU B 57 -15.88 17.11 -8.95
C LEU B 57 -16.24 18.18 -7.93
N PRO B 58 -17.14 17.88 -6.98
CA PRO B 58 -17.42 18.87 -5.92
C PRO B 58 -16.19 19.12 -5.05
N HIS B 59 -15.97 20.38 -4.66
CA HIS B 59 -14.85 20.74 -3.80
C HIS B 59 -15.12 20.24 -2.38
N VAL B 60 -14.03 20.01 -1.62
CA VAL B 60 -14.10 19.54 -0.24
C VAL B 60 -13.57 20.64 0.66
N THR B 61 -14.36 21.05 1.66
CA THR B 61 -13.97 22.12 2.58
C THR B 61 -13.76 21.52 3.99
N ASN B 62 -12.72 22.01 4.70
CA ASN B 62 -12.36 21.54 6.05
C ASN B 62 -13.00 22.46 7.11
N GLU B 63 -12.76 22.17 8.40
CA GLU B 63 -13.29 22.97 9.51
C GLU B 63 -12.72 24.41 9.49
N LEU B 64 -11.44 24.57 9.08
CA LEU B 64 -10.77 25.88 9.01
C LEU B 64 -11.39 26.82 7.96
N GLY B 65 -11.91 26.25 6.86
CA GLY B 65 -12.52 27.02 5.77
C GLY B 65 -11.76 26.96 4.46
N ASP B 66 -10.62 26.23 4.39
CA ASP B 66 -9.83 26.09 3.17
C ASP B 66 -10.51 25.09 2.22
N THR B 67 -10.76 25.50 0.97
CA THR B 67 -11.41 24.65 -0.03
C THR B 67 -10.36 23.85 -0.81
N TYR B 68 -10.58 22.54 -0.97
CA TYR B 68 -9.68 21.64 -1.69
C TYR B 68 -10.37 21.03 -2.91
N VAL B 69 -9.66 20.99 -4.06
CA VAL B 69 -10.21 20.33 -5.24
C VAL B 69 -9.90 18.83 -5.09
N ASP B 70 -10.87 17.98 -5.45
CA ASP B 70 -10.76 16.53 -5.32
C ASP B 70 -9.96 15.96 -6.50
N ASN B 71 -9.52 14.70 -6.38
CA ASN B 71 -8.75 14.06 -7.44
C ASN B 71 -9.48 12.92 -8.09
N LYS B 72 -9.02 12.57 -9.30
CA LYS B 72 -9.41 11.39 -10.05
C LYS B 72 -8.16 10.54 -10.17
N ILE B 73 -8.30 9.20 -10.22
CA ILE B 73 -7.15 8.32 -10.38
C ILE B 73 -7.43 7.38 -11.55
N VAL B 74 -6.63 7.45 -12.62
CA VAL B 74 -6.78 6.55 -13.75
C VAL B 74 -5.89 5.33 -13.48
N LEU B 75 -6.50 4.13 -13.42
CA LEU B 75 -5.78 2.88 -13.23
C LEU B 75 -5.84 2.13 -14.54
N HIS B 76 -4.70 1.95 -15.20
CA HIS B 76 -4.62 1.26 -16.48
C HIS B 76 -3.81 -0.02 -16.30
N LEU B 77 -4.50 -1.18 -16.20
CA LEU B 77 -3.89 -2.48 -16.00
C LEU B 77 -3.85 -3.24 -17.33
N THR B 78 -2.66 -3.73 -17.74
CA THR B 78 -2.52 -4.47 -19.00
C THR B 78 -1.80 -5.78 -18.78
N ARG B 79 -2.03 -6.76 -19.67
CA ARG B 79 -1.37 -8.07 -19.67
C ARG B 79 -0.97 -8.30 -21.11
N GLY B 80 0.26 -7.92 -21.46
CA GLY B 80 0.74 -7.98 -22.84
C GLY B 80 0.05 -6.91 -23.65
N ASN B 81 -0.49 -7.27 -24.82
CA ASN B 81 -1.22 -6.34 -25.67
C ASN B 81 -2.64 -6.05 -25.13
N GLU B 82 -3.18 -6.92 -24.25
CA GLU B 82 -4.55 -6.77 -23.75
C GLU B 82 -4.65 -5.80 -22.59
N THR B 83 -5.76 -5.06 -22.51
CA THR B 83 -6.04 -4.15 -21.40
C THR B 83 -7.08 -4.87 -20.52
N VAL B 84 -6.66 -5.26 -19.30
CA VAL B 84 -7.53 -5.96 -18.36
C VAL B 84 -8.53 -4.97 -17.75
N LEU B 85 -8.04 -3.78 -17.39
CA LEU B 85 -8.89 -2.72 -16.82
C LEU B 85 -8.32 -1.34 -17.12
N ASN B 86 -9.18 -0.40 -17.50
CA ASN B 86 -8.84 1.00 -17.75
C ASN B 86 -9.97 1.86 -17.19
N LYS B 87 -9.92 2.14 -15.88
CA LYS B 87 -10.98 2.88 -15.18
C LYS B 87 -10.50 4.18 -14.57
N THR B 88 -11.35 5.21 -14.64
CA THR B 88 -11.12 6.48 -13.96
C THR B 88 -11.80 6.34 -12.60
N PHE B 89 -11.02 6.40 -11.52
CA PHE B 89 -11.53 6.28 -10.17
C PHE B 89 -11.73 7.64 -9.50
N THR B 90 -12.76 7.73 -8.66
CA THR B 90 -13.02 8.89 -7.78
C THR B 90 -13.43 8.32 -6.43
N LYS B 91 -13.45 9.15 -5.39
CA LYS B 91 -13.84 8.67 -4.06
C LYS B 91 -15.26 8.08 -4.07
N ASN B 92 -16.10 8.55 -5.00
CA ASN B 92 -17.49 8.10 -5.11
C ASN B 92 -17.60 6.62 -5.52
N ASP B 93 -16.53 6.03 -6.11
CA ASP B 93 -16.49 4.59 -6.42
C ASP B 93 -16.51 3.72 -5.14
N PHE B 94 -16.26 4.32 -3.96
CA PHE B 94 -16.27 3.65 -2.66
C PHE B 94 -17.50 4.03 -1.82
N SER B 95 -18.53 4.65 -2.45
CA SER B 95 -19.76 5.06 -1.76
C SER B 95 -20.53 3.87 -1.18
N SER B 96 -20.38 2.67 -1.77
CA SER B 96 -21.06 1.46 -1.28
C SER B 96 -20.46 0.92 0.03
N VAL B 97 -19.20 1.29 0.39
CA VAL B 97 -18.56 0.78 1.61
C VAL B 97 -17.99 1.90 2.53
N VAL B 98 -18.28 3.19 2.29
CA VAL B 98 -17.84 4.31 3.12
C VAL B 98 -19.03 5.22 3.35
N ASP B 99 -19.30 5.64 4.61
CA ASP B 99 -20.46 6.48 4.92
C ASP B 99 -20.29 7.88 4.28
N ALA B 100 -21.40 8.41 3.72
CA ALA B 100 -21.44 9.69 3.00
C ALA B 100 -20.83 10.85 3.81
N ASN B 101 -21.00 10.87 5.14
CA ASN B 101 -20.47 11.95 6.00
C ASN B 101 -18.94 12.03 5.87
N PHE B 102 -18.22 10.92 6.17
CA PHE B 102 -16.76 10.91 6.04
C PHE B 102 -16.32 11.00 4.57
N LEU B 103 -17.08 10.39 3.63
CA LEU B 103 -16.69 10.44 2.21
C LEU B 103 -16.77 11.86 1.65
N SER B 104 -17.81 12.64 2.00
CA SER B 104 -17.95 14.03 1.53
C SER B 104 -16.82 14.94 2.03
N LYS B 105 -16.34 14.72 3.29
CA LYS B 105 -15.26 15.52 3.89
C LYS B 105 -13.85 15.04 3.48
N SER B 106 -13.74 13.95 2.70
CA SER B 106 -12.45 13.38 2.29
C SER B 106 -12.19 13.54 0.79
N ILE B 107 -10.91 13.39 0.37
CA ILE B 107 -10.51 13.45 -1.03
C ILE B 107 -9.78 12.16 -1.38
N LEU B 108 -9.89 11.73 -2.65
CA LEU B 108 -9.19 10.54 -3.11
C LEU B 108 -7.69 10.82 -3.11
N GLU B 109 -6.93 10.07 -2.33
CA GLU B 109 -5.51 10.30 -2.15
C GLU B 109 -4.66 9.41 -3.05
N GLY B 110 -4.97 8.13 -3.10
CA GLY B 110 -4.13 7.20 -3.87
C GLY B 110 -4.69 5.82 -4.06
N ILE B 111 -4.20 5.14 -5.10
CA ILE B 111 -4.50 3.74 -5.43
C ILE B 111 -3.15 3.13 -5.77
N VAL B 112 -2.68 2.11 -5.03
CA VAL B 112 -1.38 1.50 -5.31
C VAL B 112 -1.48 0.00 -5.29
N TYR B 113 -0.68 -0.62 -6.15
CA TYR B 113 -0.57 -2.08 -6.23
C TYR B 113 -0.12 -2.59 -4.86
N ASP B 114 -0.84 -3.57 -4.30
CA ASP B 114 -0.52 -4.12 -2.99
C ASP B 114 0.02 -5.53 -3.13
N LYS B 115 -0.81 -6.47 -3.60
CA LYS B 115 -0.42 -7.87 -3.73
C LYS B 115 -1.35 -8.63 -4.66
N THR B 116 -1.03 -9.90 -4.90
CA THR B 116 -1.87 -10.82 -5.66
C THR B 116 -2.37 -11.89 -4.71
N THR B 117 -3.64 -12.27 -4.83
CA THR B 117 -4.28 -13.31 -4.01
C THR B 117 -5.00 -14.28 -4.93
N PRO B 118 -5.51 -15.43 -4.44
CA PRO B 118 -6.27 -16.34 -5.34
C PRO B 118 -7.49 -15.66 -5.96
N GLN B 119 -8.09 -14.67 -5.26
CA GLN B 119 -9.24 -13.90 -5.76
C GLN B 119 -8.82 -13.07 -6.96
N GLY B 120 -7.79 -12.26 -6.78
CA GLY B 120 -7.28 -11.41 -7.84
C GLY B 120 -6.13 -10.51 -7.42
N ILE B 121 -5.90 -9.47 -8.23
CA ILE B 121 -4.86 -8.46 -8.02
C ILE B 121 -5.44 -7.44 -7.05
N VAL B 122 -4.81 -7.26 -5.88
CA VAL B 122 -5.32 -6.35 -4.86
C VAL B 122 -4.54 -5.03 -4.88
N TYR B 123 -5.28 -3.92 -4.83
CA TYR B 123 -4.74 -2.56 -4.77
C TYR B 123 -5.13 -1.95 -3.46
N ALA B 124 -4.21 -1.23 -2.81
CA ALA B 124 -4.52 -0.50 -1.59
C ALA B 124 -5.00 0.85 -2.05
N ALA B 125 -6.13 1.31 -1.53
CA ALA B 125 -6.69 2.60 -1.91
C ALA B 125 -6.92 3.40 -0.66
N SER B 126 -6.86 4.73 -0.76
CA SER B 126 -7.08 5.58 0.38
C SER B 126 -7.74 6.90 0.03
N VAL B 127 -8.60 7.35 0.93
CA VAL B 127 -9.25 8.64 0.87
C VAL B 127 -8.74 9.33 2.12
N CYS B 128 -8.35 10.61 2.02
CA CYS B 128 -7.75 11.29 3.15
C CYS B 128 -8.48 12.59 3.50
N TYR B 129 -8.35 12.98 4.77
CA TYR B 129 -8.91 14.21 5.31
C TYR B 129 -7.97 15.33 4.87
N PRO B 130 -8.41 16.32 4.06
CA PRO B 130 -7.46 17.38 3.63
C PRO B 130 -6.84 18.18 4.79
N GLN B 131 -5.61 18.72 4.56
CA GLN B 131 -4.78 19.48 5.52
C GLN B 131 -4.29 18.62 6.72
N THR B 132 -4.33 17.27 6.60
CA THR B 132 -3.87 16.33 7.64
C THR B 132 -3.24 15.10 7.00
N ASP B 133 -2.60 14.26 7.82
CA ASP B 133 -2.01 12.99 7.36
C ASP B 133 -2.98 11.81 7.65
N LEU B 134 -4.28 12.12 7.93
CA LEU B 134 -5.31 11.14 8.27
C LEU B 134 -5.97 10.55 7.03
N TYR B 135 -6.09 9.21 6.98
CA TYR B 135 -6.69 8.53 5.85
C TYR B 135 -7.41 7.26 6.27
N MSE B 136 -8.31 6.81 5.41
CA MSE B 136 -9.06 5.58 5.58
C MSE B 136 -8.58 4.54 4.57
O MSE B 136 -8.69 4.78 3.37
CB MSE B 136 -10.53 5.86 5.38
CG MSE B 136 -11.41 4.63 5.52
SE MSE B 136 -13.23 5.12 5.27
CE MSE B 136 -13.70 5.49 7.10
N PRO B 137 -8.11 3.37 5.03
CA PRO B 137 -7.66 2.34 4.09
C PRO B 137 -8.83 1.62 3.43
N LEU B 138 -8.74 1.42 2.09
CA LEU B 138 -9.74 0.75 1.27
C LEU B 138 -9.02 -0.23 0.33
N SER B 139 -9.74 -1.10 -0.38
CA SER B 139 -9.06 -2.00 -1.32
C SER B 139 -9.88 -2.27 -2.56
N ILE B 140 -9.18 -2.43 -3.71
CA ILE B 140 -9.75 -2.74 -5.02
C ILE B 140 -9.18 -4.08 -5.43
N THR B 141 -10.02 -5.07 -5.74
CA THR B 141 -9.55 -6.38 -6.18
C THR B 141 -9.96 -6.55 -7.64
N ILE B 142 -9.00 -6.84 -8.54
CA ILE B 142 -9.28 -7.02 -9.96
C ILE B 142 -8.90 -8.44 -10.35
N THR B 143 -9.84 -9.19 -10.98
CA THR B 143 -9.56 -10.56 -11.40
C THR B 143 -8.80 -10.55 -12.71
N ALA B 144 -8.30 -11.72 -13.14
CA ALA B 144 -7.56 -11.82 -14.39
C ALA B 144 -8.43 -11.47 -15.62
N ASP B 145 -9.77 -11.72 -15.54
CA ASP B 145 -10.69 -11.37 -16.62
C ASP B 145 -11.33 -9.95 -16.42
N GLY B 146 -10.71 -9.09 -15.60
CA GLY B 146 -11.16 -7.72 -15.40
C GLY B 146 -12.35 -7.48 -14.48
N LYS B 147 -12.87 -8.50 -13.76
CA LYS B 147 -13.99 -8.26 -12.83
C LYS B 147 -13.43 -7.55 -11.60
N MSE B 148 -13.96 -6.37 -11.30
CA MSE B 148 -13.46 -5.53 -10.22
C MSE B 148 -14.42 -5.49 -9.03
O MSE B 148 -15.63 -5.41 -9.23
CB MSE B 148 -13.22 -4.13 -10.77
CG MSE B 148 -12.47 -3.22 -9.83
SE MSE B 148 -13.39 -1.59 -9.45
CE MSE B 148 -15.07 -2.23 -8.76
N SER B 149 -13.89 -5.51 -7.79
CA SER B 149 -14.69 -5.41 -6.56
C SER B 149 -14.01 -4.46 -5.58
N ILE B 150 -14.81 -3.77 -4.75
CA ILE B 150 -14.35 -2.79 -3.76
C ILE B 150 -14.64 -3.32 -2.37
N GLN B 151 -13.67 -3.20 -1.43
CA GLN B 151 -13.85 -3.60 -0.03
C GLN B 151 -13.24 -2.56 0.88
N LYS B 152 -13.91 -2.22 1.99
CA LYS B 152 -13.35 -1.30 2.99
C LYS B 152 -12.53 -2.16 3.93
N VAL B 153 -11.38 -1.67 4.37
CA VAL B 153 -10.53 -2.39 5.30
C VAL B 153 -11.10 -2.16 6.70
N ASP B 154 -11.43 -3.24 7.44
CA ASP B 154 -11.97 -3.13 8.79
C ASP B 154 -10.84 -2.99 9.78
N ILE B 155 -10.86 -1.91 10.58
CA ILE B 155 -9.80 -1.66 11.56
C ILE B 155 -10.31 -2.12 12.90
N LEU B 156 -9.56 -3.00 13.59
CA LEU B 156 -9.95 -3.49 14.90
C LEU B 156 -9.00 -2.90 15.90
N GLU B 157 -9.46 -2.69 17.13
CA GLU B 157 -8.65 -2.12 18.20
C GLU B 157 -8.30 -3.16 19.23
N GLU B 158 -7.08 -3.07 19.81
CA GLU B 158 -6.62 -3.98 20.86
C GLU B 158 -6.32 -3.16 22.12
N ASP B 159 -6.76 -3.65 23.29
CA ASP B 159 -6.59 -2.95 24.58
C ASP B 159 -5.23 -3.28 25.25
N TYR B 160 -4.74 -4.54 25.14
CA TYR B 160 -3.46 -4.95 25.75
C TYR B 160 -2.82 -6.10 24.98
S SO4 C . 19.74 -15.20 6.11
O1 SO4 C . 20.86 -15.85 6.80
O2 SO4 C . 18.80 -14.69 7.09
O3 SO4 C . 20.27 -14.11 5.30
O4 SO4 C . 19.07 -16.17 5.24
C1 EDO D . -1.69 -16.02 4.70
O1 EDO D . -2.98 -15.44 4.79
C2 EDO D . -1.19 -16.36 6.11
O2 EDO D . -1.23 -15.19 6.92
C1 EDO E . -6.97 0.64 -23.71
O1 EDO E . -6.07 1.65 -24.13
C2 EDO E . -8.36 1.28 -23.46
O2 EDO E . -9.21 0.33 -22.84
#